data_7Q2K
#
_entry.id   7Q2K
#
_cell.length_a   50.429
_cell.length_b   68.393
_cell.length_c   116.836
_cell.angle_alpha   90.000
_cell.angle_beta   90.000
_cell.angle_gamma   90.000
#
_symmetry.space_group_name_H-M   'I 2 2 2'
#
loop_
_entity.id
_entity.type
_entity.pdbx_description
1 polymer 'Cholinephosphate cytidylyltransferase'
2 non-polymer pyrrolidin-2-one
3 water water
#
_entity_poly.entity_id   1
_entity_poly.type   'polypeptide(L)'
_entity_poly.pdbx_seq_one_letter_code
;GHMAVPDDDDDDDNSNDESEYESSQMDSEKNKGSIKNSKNVVIYADGVYDMLHLGHMKQLEQAKKLFENTTLIVGVTSDN
ETKLFKGQVVQTLEERTETLKHIRWVDEIISPCPWVVTPEFLEKYKIDYVAHDDIPYANNQKEDIYAWLKRAGKFKATQR
TEGVSTTDLIVRILKNYEDY
;
_entity_poly.pdbx_strand_id   A
#
# COMPACT_ATOMS: atom_id res chain seq x y z
N SER A 38 -25.29 -0.93 4.16
CA SER A 38 -24.80 -2.22 3.67
C SER A 38 -23.80 -2.85 4.64
N LYS A 39 -23.55 -4.15 4.46
CA LYS A 39 -22.56 -4.85 5.25
C LYS A 39 -21.19 -4.17 5.15
N ASN A 40 -20.47 -4.16 6.27
CA ASN A 40 -19.14 -3.58 6.29
C ASN A 40 -18.12 -4.57 5.70
N VAL A 41 -17.28 -4.07 4.81
CA VAL A 41 -16.36 -4.88 4.03
C VAL A 41 -14.94 -4.56 4.49
N VAL A 42 -14.15 -5.59 4.76
CA VAL A 42 -12.78 -5.40 5.21
C VAL A 42 -11.85 -5.54 4.00
N ILE A 43 -11.13 -4.46 3.70
CA ILE A 43 -10.20 -4.37 2.59
C ILE A 43 -8.79 -4.37 3.15
N TYR A 44 -7.90 -5.06 2.46
CA TYR A 44 -6.49 -5.12 2.83
C TYR A 44 -5.65 -4.68 1.64
N ALA A 45 -4.78 -3.71 1.90
CA ALA A 45 -3.78 -3.27 0.92
C ALA A 45 -2.44 -3.28 1.62
N ASP A 46 -1.37 -3.58 0.89
CA ASP A 46 -0.06 -3.53 1.52
C ASP A 46 0.94 -2.92 0.56
N GLY A 47 2.13 -2.64 1.10
CA GLY A 47 3.20 -2.04 0.33
C GLY A 47 4.29 -1.54 1.24
N VAL A 48 5.26 -0.87 0.61
CA VAL A 48 6.36 -0.30 1.35
C VAL A 48 5.98 1.05 1.93
N TYR A 49 5.33 1.89 1.13
CA TYR A 49 4.99 3.26 1.53
C TYR A 49 6.22 4.06 1.97
N ASP A 50 7.32 3.89 1.24
CA ASP A 50 8.50 4.74 1.43
C ASP A 50 8.23 6.12 0.85
N MET A 51 8.61 7.16 1.60
CA MET A 51 8.46 8.56 1.15
C MET A 51 7.07 8.80 0.58
N LEU A 52 6.08 8.56 1.44
CA LEU A 52 4.67 8.54 1.04
C LEU A 52 4.32 9.75 0.19
N HIS A 53 3.67 9.52 -0.95
CA HIS A 53 3.35 10.58 -1.88
C HIS A 53 1.90 10.44 -2.35
N LEU A 54 1.47 11.39 -3.19
CA LEU A 54 0.10 11.43 -3.65
C LEU A 54 -0.32 10.15 -4.35
N GLY A 55 0.61 9.51 -5.06
CA GLY A 55 0.31 8.23 -5.68
C GLY A 55 -0.10 7.15 -4.69
N HIS A 56 0.65 7.03 -3.58
CA HIS A 56 0.20 6.12 -2.53
C HIS A 56 -1.18 6.51 -2.03
N MET A 57 -1.37 7.80 -1.71
CA MET A 57 -2.64 8.19 -1.09
C MET A 57 -3.81 7.94 -2.02
N LYS A 58 -3.64 8.19 -3.33
CA LYS A 58 -4.73 7.95 -4.26
C LYS A 58 -5.07 6.46 -4.33
N GLN A 59 -4.06 5.58 -4.21
CA GLN A 59 -4.34 4.16 -4.24
C GLN A 59 -5.03 3.69 -2.96
N LEU A 60 -4.63 4.24 -1.82
CA LEU A 60 -5.33 3.94 -0.58
C LEU A 60 -6.77 4.44 -0.64
N GLU A 61 -6.97 5.66 -1.15
CA GLU A 61 -8.35 6.15 -1.31
C GLU A 61 -9.16 5.19 -2.17
N GLN A 62 -8.56 4.69 -3.25
CA GLN A 62 -9.28 3.79 -4.13
C GLN A 62 -9.67 2.52 -3.41
N ALA A 63 -8.73 1.94 -2.66
CA ALA A 63 -9.04 0.76 -1.87
C ALA A 63 -10.16 1.03 -0.88
N LYS A 64 -10.07 2.16 -0.18
CA LYS A 64 -11.05 2.50 0.84
C LYS A 64 -12.46 2.63 0.27
N LYS A 65 -12.58 3.04 -1.00
CA LYS A 65 -13.86 3.35 -1.60
C LYS A 65 -14.35 2.27 -2.54
N LEU A 66 -13.77 1.08 -2.45
CA LEU A 66 -14.23 -0.04 -3.27
C LEU A 66 -15.68 -0.39 -2.98
N PHE A 67 -16.12 -0.22 -1.73
CA PHE A 67 -17.52 -0.41 -1.36
C PHE A 67 -17.96 0.75 -0.48
N GLU A 68 -19.29 0.88 -0.31
CA GLU A 68 -19.82 2.02 0.41
C GLU A 68 -19.36 2.02 1.86
N ASN A 69 -19.26 0.85 2.48
CA ASN A 69 -18.92 0.74 3.88
C ASN A 69 -17.75 -0.22 4.04
N THR A 70 -16.56 0.30 4.28
CA THR A 70 -15.36 -0.52 4.36
C THR A 70 -14.60 -0.26 5.65
N THR A 71 -13.73 -1.22 5.97
CA THR A 71 -12.61 -1.01 6.89
C THR A 71 -11.35 -1.28 6.08
N LEU A 72 -10.50 -0.27 5.94
CA LEU A 72 -9.27 -0.42 5.15
C LEU A 72 -8.11 -0.74 6.09
N ILE A 73 -7.57 -1.94 5.98
CA ILE A 73 -6.38 -2.35 6.70
C ILE A 73 -5.19 -2.21 5.78
N VAL A 74 -4.14 -1.56 6.25
CA VAL A 74 -2.95 -1.32 5.43
C VAL A 74 -1.78 -2.04 6.07
N GLY A 75 -1.09 -2.87 5.28
CA GLY A 75 0.08 -3.58 5.75
C GLY A 75 1.34 -2.89 5.22
N VAL A 76 2.31 -2.73 6.11
CA VAL A 76 3.56 -2.03 5.82
C VAL A 76 4.69 -3.04 5.92
N THR A 77 5.44 -3.22 4.84
CA THR A 77 6.43 -4.30 4.80
C THR A 77 7.65 -3.98 5.66
N SER A 78 8.29 -5.05 6.16
CA SER A 78 9.45 -4.86 7.03
C SER A 78 10.64 -4.33 6.24
N ASP A 79 11.54 -3.66 6.97
CA ASP A 79 12.74 -3.13 6.33
C ASP A 79 13.57 -4.24 5.70
N ASN A 80 13.87 -5.29 6.47
CA ASN A 80 14.80 -6.31 5.97
C ASN A 80 14.19 -7.12 4.82
N GLU A 81 12.89 -7.43 4.89
CA GLU A 81 12.29 -8.16 3.78
C GLU A 81 12.14 -7.29 2.54
N THR A 82 11.82 -6.01 2.70
CA THR A 82 11.77 -5.12 1.56
C THR A 82 13.14 -5.02 0.90
N LYS A 83 14.17 -4.78 1.69
CA LYS A 83 15.52 -4.62 1.15
C LYS A 83 16.00 -5.93 0.51
N LEU A 84 15.60 -7.06 1.07
CA LEU A 84 16.06 -8.35 0.56
C LEU A 84 15.39 -8.71 -0.76
N PHE A 85 14.08 -8.48 -0.85
CA PHE A 85 13.27 -8.98 -1.96
C PHE A 85 12.93 -7.92 -3.01
N LYS A 86 12.95 -6.64 -2.67
CA LYS A 86 12.39 -5.65 -3.58
C LYS A 86 13.37 -4.55 -3.95
N GLY A 87 13.95 -3.89 -2.97
CA GLY A 87 14.94 -2.87 -3.26
C GLY A 87 15.10 -1.92 -2.08
N GLN A 88 15.78 -0.82 -2.37
CA GLN A 88 16.20 0.09 -1.32
C GLN A 88 15.02 0.85 -0.73
N VAL A 89 15.13 1.13 0.57
CA VAL A 89 14.11 1.84 1.33
C VAL A 89 14.78 2.92 2.16
N VAL A 90 14.32 4.16 2.01
CA VAL A 90 14.92 5.26 2.75
C VAL A 90 14.49 5.25 4.21
N GLN A 91 13.20 5.04 4.46
CA GLN A 91 12.62 5.23 5.78
C GLN A 91 12.41 3.91 6.51
N THR A 92 12.58 3.97 7.83
CA THR A 92 12.41 2.77 8.64
C THR A 92 10.94 2.41 8.74
N LEU A 93 10.69 1.17 9.18
CA LEU A 93 9.32 0.71 9.41
C LEU A 93 8.55 1.68 10.30
N GLU A 94 9.17 2.10 11.42
CA GLU A 94 8.50 3.05 12.31
C GLU A 94 8.11 4.32 11.59
N GLU A 95 9.03 4.87 10.77
CA GLU A 95 8.77 6.13 10.07
C GLU A 95 7.68 5.98 9.02
N ARG A 96 7.70 4.87 8.28
CA ARG A 96 6.73 4.70 7.21
C ARG A 96 5.33 4.51 7.79
N THR A 97 5.27 3.83 8.95
CA THR A 97 4.00 3.54 9.61
C THR A 97 3.45 4.80 10.26
N GLU A 98 4.31 5.55 10.96
CA GLU A 98 3.89 6.82 11.56
C GLU A 98 3.33 7.78 10.51
N THR A 99 3.90 7.81 9.31
CA THR A 99 3.37 8.72 8.31
C THR A 99 2.00 8.25 7.82
N LEU A 100 1.87 6.95 7.55
CA LEU A 100 0.61 6.41 7.04
C LEU A 100 -0.54 6.64 8.01
N LYS A 101 -0.26 6.74 9.31
CA LYS A 101 -1.34 6.94 10.26
C LYS A 101 -2.06 8.28 10.08
N HIS A 102 -1.48 9.21 9.32
CA HIS A 102 -2.09 10.51 9.09
C HIS A 102 -3.05 10.52 7.91
N ILE A 103 -3.16 9.42 7.19
CA ILE A 103 -3.92 9.38 5.95
C ILE A 103 -5.37 9.01 6.28
N ARG A 104 -6.32 9.81 5.82
CA ARG A 104 -7.68 9.65 6.32
C ARG A 104 -8.31 8.34 5.89
N TRP A 105 -7.82 7.72 4.81
CA TRP A 105 -8.43 6.48 4.31
C TRP A 105 -8.05 5.26 5.14
N VAL A 106 -7.05 5.38 6.00
CA VAL A 106 -6.45 4.24 6.70
C VAL A 106 -7.21 4.01 8.00
N ASP A 107 -7.82 2.84 8.13
CA ASP A 107 -8.54 2.51 9.36
C ASP A 107 -7.70 1.69 10.32
N GLU A 108 -6.86 0.79 9.80
CA GLU A 108 -6.09 -0.13 10.60
C GLU A 108 -4.74 -0.29 9.90
N ILE A 109 -3.67 -0.42 10.67
CA ILE A 109 -2.37 -0.70 10.09
C ILE A 109 -1.80 -1.95 10.74
N ILE A 110 -1.30 -2.88 9.91
CA ILE A 110 -0.51 -4.02 10.37
C ILE A 110 0.96 -3.74 10.06
N SER A 111 1.76 -3.58 11.10
CA SER A 111 3.13 -3.13 10.89
C SER A 111 4.06 -3.86 11.84
N PRO A 112 4.95 -4.74 11.33
CA PRO A 112 5.16 -5.08 9.92
C PRO A 112 4.11 -6.06 9.41
N CYS A 113 3.80 -6.05 8.13
CA CYS A 113 2.96 -7.08 7.54
C CYS A 113 3.81 -8.22 7.03
N PRO A 114 3.21 -9.38 6.78
CA PRO A 114 3.97 -10.46 6.16
C PRO A 114 4.30 -10.10 4.73
N TRP A 115 5.48 -10.55 4.28
CA TRP A 115 5.88 -10.27 2.91
C TRP A 115 4.97 -10.97 1.92
N VAL A 116 4.54 -12.20 2.21
CA VAL A 116 3.60 -12.92 1.36
C VAL A 116 2.27 -13.04 2.10
N VAL A 117 1.20 -12.68 1.41
CA VAL A 117 -0.14 -12.80 1.95
C VAL A 117 -0.58 -14.24 1.80
N THR A 118 -1.17 -14.81 2.84
CA THR A 118 -1.63 -16.18 2.86
C THR A 118 -3.12 -16.25 3.16
N PRO A 119 -3.77 -17.38 2.82
CA PRO A 119 -5.19 -17.55 3.18
C PRO A 119 -5.42 -17.44 4.69
N GLU A 120 -4.50 -18.00 5.49
CA GLU A 120 -4.64 -17.92 6.95
C GLU A 120 -4.61 -16.48 7.42
N PHE A 121 -3.73 -15.66 6.84
CA PHE A 121 -3.68 -14.23 7.17
C PHE A 121 -5.03 -13.57 6.89
N LEU A 122 -5.64 -13.90 5.75
CA LEU A 122 -6.95 -13.34 5.43
C LEU A 122 -7.99 -13.80 6.44
N GLU A 123 -7.99 -15.09 6.79
CA GLU A 123 -8.93 -15.60 7.78
C GLU A 123 -8.73 -14.89 9.12
N LYS A 124 -7.49 -14.76 9.58
CA LYS A 124 -7.21 -14.17 10.89
C LYS A 124 -7.79 -12.76 11.02
N TYR A 125 -7.53 -11.90 10.03
CA TYR A 125 -8.00 -10.52 10.10
C TYR A 125 -9.36 -10.32 9.46
N LYS A 126 -10.04 -11.41 9.07
CA LYS A 126 -11.38 -11.35 8.52
C LYS A 126 -11.43 -10.44 7.30
N ILE A 127 -10.43 -10.60 6.43
CA ILE A 127 -10.30 -9.77 5.24
C ILE A 127 -11.20 -10.29 4.14
N ASP A 128 -12.04 -9.40 3.59
CA ASP A 128 -12.92 -9.77 2.50
C ASP A 128 -12.29 -9.62 1.12
N TYR A 129 -11.48 -8.58 0.91
CA TYR A 129 -10.82 -8.36 -0.36
C TYR A 129 -9.41 -7.86 -0.13
N VAL A 130 -8.52 -8.22 -1.04
CA VAL A 130 -7.19 -7.66 -1.11
C VAL A 130 -7.15 -6.71 -2.30
N ALA A 131 -6.79 -5.46 -2.05
CA ALA A 131 -6.72 -4.45 -3.10
C ALA A 131 -5.25 -4.24 -3.44
N HIS A 132 -4.90 -4.45 -4.71
CA HIS A 132 -3.53 -4.28 -5.17
C HIS A 132 -3.54 -4.00 -6.66
N ASP A 133 -2.38 -3.58 -7.18
CA ASP A 133 -2.32 -3.29 -8.61
C ASP A 133 -1.70 -4.43 -9.42
N ASP A 144 -0.01 -16.06 -11.80
CA ASP A 144 0.86 -15.20 -11.01
C ASP A 144 0.89 -15.65 -9.55
N ILE A 145 1.55 -14.83 -8.72
CA ILE A 145 1.55 -15.08 -7.28
C ILE A 145 0.16 -14.83 -6.68
N TYR A 146 -0.59 -13.86 -7.20
CA TYR A 146 -1.92 -13.51 -6.70
C TYR A 146 -3.03 -14.37 -7.31
N ALA A 147 -2.69 -15.47 -7.97
CA ALA A 147 -3.72 -16.26 -8.65
C ALA A 147 -4.78 -16.74 -7.67
N TRP A 148 -4.36 -17.30 -6.53
CA TRP A 148 -5.34 -17.83 -5.59
C TRP A 148 -6.28 -16.73 -5.09
N LEU A 149 -5.79 -15.49 -4.95
CA LEU A 149 -6.67 -14.43 -4.48
C LEU A 149 -7.84 -14.23 -5.44
N LYS A 150 -7.56 -14.30 -6.73
CA LYS A 150 -8.57 -14.09 -7.75
C LYS A 150 -9.50 -15.30 -7.84
N ARG A 151 -8.94 -16.51 -7.69
CA ARG A 151 -9.76 -17.70 -7.62
C ARG A 151 -10.72 -17.66 -6.46
N ALA A 152 -10.35 -16.98 -5.37
CA ALA A 152 -11.19 -16.92 -4.19
C ALA A 152 -12.21 -15.80 -4.27
N GLY A 153 -12.14 -14.97 -5.31
CA GLY A 153 -12.96 -13.79 -5.40
C GLY A 153 -12.54 -12.66 -4.49
N LYS A 154 -11.33 -12.72 -3.95
CA LYS A 154 -10.89 -11.73 -2.97
C LYS A 154 -9.89 -10.72 -3.54
N PHE A 155 -9.81 -10.61 -4.86
CA PHE A 155 -8.92 -9.66 -5.51
C PHE A 155 -9.69 -8.46 -6.06
N LYS A 156 -9.25 -7.26 -5.72
CA LYS A 156 -9.76 -6.02 -6.31
C LYS A 156 -8.58 -5.19 -6.80
N ALA A 157 -8.64 -4.79 -8.06
CA ALA A 157 -7.53 -4.06 -8.66
C ALA A 157 -7.62 -2.57 -8.33
N THR A 158 -6.47 -1.99 -8.02
CA THR A 158 -6.31 -0.55 -7.85
C THR A 158 -5.21 -0.08 -8.78
N GLN A 159 -5.22 1.21 -9.08
CA GLN A 159 -4.32 1.75 -10.09
C GLN A 159 -3.23 2.57 -9.45
N ARG A 160 -2.10 2.60 -10.15
CA ARG A 160 -0.95 3.42 -9.80
C ARG A 160 -1.05 4.73 -10.55
N THR A 161 -0.72 5.84 -9.89
CA THR A 161 -0.71 7.10 -10.59
C THR A 161 0.73 7.46 -10.95
N GLU A 162 0.96 7.75 -12.23
CA GLU A 162 2.28 8.11 -12.70
C GLU A 162 2.57 9.60 -12.47
N GLY A 163 3.84 9.91 -12.24
CA GLY A 163 4.30 11.28 -12.25
C GLY A 163 4.07 12.08 -10.99
N VAL A 164 3.74 11.45 -9.86
CA VAL A 164 3.43 12.17 -8.64
C VAL A 164 4.28 11.70 -7.46
N SER A 165 5.33 10.92 -7.74
CA SER A 165 6.11 10.36 -6.65
C SER A 165 7.02 11.42 -6.05
N THR A 166 7.57 11.08 -4.88
CA THR A 166 8.48 11.99 -4.21
C THR A 166 9.75 12.19 -5.04
N THR A 167 10.34 11.12 -5.56
CA THR A 167 11.52 11.30 -6.40
C THR A 167 11.19 12.15 -7.63
N ASP A 168 9.98 12.00 -8.18
CA ASP A 168 9.57 12.84 -9.30
C ASP A 168 9.67 14.32 -8.91
N LEU A 169 9.27 14.67 -7.69
CA LEU A 169 9.38 16.06 -7.26
C LEU A 169 10.84 16.51 -7.25
N ILE A 170 11.74 15.65 -6.77
CA ILE A 170 13.15 16.03 -6.70
C ILE A 170 13.69 16.24 -8.10
N VAL A 171 13.32 15.36 -9.03
CA VAL A 171 13.70 15.55 -10.42
C VAL A 171 13.24 16.93 -10.93
N ARG A 172 12.06 17.39 -10.49
CA ARG A 172 11.59 18.71 -10.91
C ARG A 172 12.44 19.81 -10.32
N ILE A 173 12.89 19.65 -9.08
CA ILE A 173 13.80 20.63 -8.51
C ILE A 173 15.07 20.71 -9.34
N LEU A 174 15.62 19.54 -9.66
CA LEU A 174 16.90 19.49 -10.36
C LEU A 174 16.84 20.19 -11.72
N LYS A 175 15.66 20.26 -12.32
CA LYS A 175 15.59 20.85 -13.66
C LYS A 175 15.70 22.36 -13.66
N ASN A 176 15.68 23.04 -12.51
CA ASN A 176 15.99 24.47 -12.49
C ASN A 176 17.45 24.76 -12.77
N TYR A 177 18.29 23.74 -12.88
CA TYR A 177 19.73 23.91 -13.06
C TYR A 177 20.09 23.38 -14.45
N GLU A 178 20.20 24.28 -15.43
CA GLU A 178 20.55 23.85 -16.79
C GLU A 178 21.85 23.07 -16.79
N ASP A 179 21.92 22.07 -17.66
CA ASP A 179 23.18 21.37 -17.88
C ASP A 179 24.32 22.32 -18.23
N TYR A 180 24.02 23.39 -18.95
CA TYR A 180 25.08 24.30 -19.41
C TYR A 180 24.68 25.75 -19.15
#